data_6ALB
#
_entry.id   6ALB
#
_cell.length_a   92.004
_cell.length_b   60.635
_cell.length_c   53.835
_cell.angle_alpha   90.000
_cell.angle_beta   102.690
_cell.angle_gamma   90.000
#
_symmetry.space_group_name_H-M   'C 1 2 1'
#
loop_
_entity.id
_entity.type
_entity.pdbx_description
1 polymer 'CREB-binding protein'
2 non-polymer 'ZINC ION'
3 non-polymer 2-[3-(2-HYDROXY-1,1-DIHYDROXYMETHYL-ETHYLAMINO)-PROPYLAMINO]-2-HYDROXYMETHYL-PROPANE-1,3-DIOL
4 non-polymer 1-{3-[3-(1-methyl-1H-pyrazol-4-yl)isoquinolin-8-yl]-1-(oxan-4-yl)-1,4,6,7-tetrahydro-5H-pyrazolo[4,3-c]pyridin-5-yl}ethan-1-one
5 water water
#
_entity_poly.entity_id   1
_entity_poly.type   'polypeptide(L)'
_entity_poly.pdbx_seq_one_letter_code
;SRKKIFKPEELRQALMPTLEALYRQDPESLPFRQPVDPQLLGIPDYFDIVKNPMDLSTIKRKLDTGQYQEPWQYVDDVWL
MFNNAWLYNRKTSRVYKFCSKLAEVFEQEIDPVMQSLGYCCGRKYEFSPQTLCCYGKQLCTIPRDAAYYSYQNRYHFCEK
CFTEIQGENVTLGDDPSQPQTTISKDQFEKKKNDTLDPEPFVDCKECGRKMHQICVLHYDIIWPSGFVCDNCL
;
_entity_poly.pdbx_strand_id   A
#
# COMPACT_ATOMS: atom_id res chain seq x y z
N SER A 1 -23.19 -15.42 0.25
CA SER A 1 -23.02 -16.51 1.20
C SER A 1 -22.19 -17.67 0.63
N ARG A 2 -21.80 -17.53 -0.64
CA ARG A 2 -20.82 -18.43 -1.23
C ARG A 2 -19.45 -17.75 -1.16
N LYS A 3 -18.92 -17.71 0.06
CA LYS A 3 -17.68 -17.01 0.33
C LYS A 3 -16.50 -17.70 -0.33
N LYS A 4 -15.55 -16.91 -0.81
CA LYS A 4 -14.35 -17.46 -1.41
C LYS A 4 -13.31 -17.75 -0.33
N ILE A 5 -12.90 -19.01 -0.22
CA ILE A 5 -11.87 -19.45 0.71
C ILE A 5 -10.65 -19.82 -0.10
N PHE A 6 -9.51 -19.18 0.17
CA PHE A 6 -8.27 -19.51 -0.53
C PHE A 6 -7.51 -20.58 0.26
N LYS A 7 -7.16 -21.67 -0.39
CA LYS A 7 -6.33 -22.61 0.34
C LYS A 7 -4.86 -22.17 0.27
N PRO A 8 -4.04 -22.59 1.26
CA PRO A 8 -2.65 -22.11 1.28
C PRO A 8 -1.92 -22.33 -0.02
N GLU A 9 -2.09 -23.50 -0.64
CA GLU A 9 -1.30 -23.83 -1.82
C GLU A 9 -1.72 -23.00 -3.04
N GLU A 10 -3.00 -22.67 -3.14
CA GLU A 10 -3.45 -21.75 -4.18
C GLU A 10 -2.73 -20.41 -4.09
N LEU A 11 -2.69 -19.85 -2.88
CA LEU A 11 -1.99 -18.58 -2.64
C LEU A 11 -0.51 -18.70 -2.89
N ARG A 12 0.12 -19.77 -2.35
CA ARG A 12 1.55 -19.94 -2.52
C ARG A 12 1.93 -20.03 -3.98
N GLN A 13 1.24 -20.88 -4.75
CA GLN A 13 1.63 -21.08 -6.14
C GLN A 13 1.43 -19.82 -6.97
N ALA A 14 0.39 -19.04 -6.69
CA ALA A 14 0.21 -17.83 -7.46
C ALA A 14 1.18 -16.73 -7.05
N LEU A 15 1.42 -16.58 -5.75
CA LEU A 15 2.08 -15.37 -5.28
C LEU A 15 3.58 -15.51 -5.16
N MET A 16 4.06 -16.70 -4.80
CA MET A 16 5.50 -16.90 -4.65
C MET A 16 6.30 -16.39 -5.83
N PRO A 17 5.85 -16.51 -7.10
CA PRO A 17 6.63 -15.90 -8.19
C PRO A 17 6.81 -14.40 -8.06
N THR A 18 5.85 -13.68 -7.45
CA THR A 18 6.07 -12.26 -7.26
C THR A 18 7.10 -12.00 -6.18
N LEU A 19 7.22 -12.90 -5.20
CA LEU A 19 8.26 -12.77 -4.19
C LEU A 19 9.63 -13.13 -4.75
N GLU A 20 9.71 -14.24 -5.50
CA GLU A 20 10.98 -14.61 -6.13
C GLU A 20 11.48 -13.49 -7.05
N ALA A 21 10.57 -12.81 -7.75
CA ALA A 21 11.00 -11.68 -8.58
C ALA A 21 11.64 -10.57 -7.76
N LEU A 22 11.24 -10.40 -6.50
CA LEU A 22 11.97 -9.47 -5.65
C LEU A 22 13.30 -10.05 -5.20
N TYR A 23 13.28 -11.29 -4.74
CA TYR A 23 14.50 -11.97 -4.31
C TYR A 23 15.55 -12.00 -5.41
N ARG A 24 15.12 -12.08 -6.68
CA ARG A 24 16.04 -12.15 -7.81
C ARG A 24 16.91 -10.90 -7.92
N GLN A 25 16.39 -9.74 -7.54
CA GLN A 25 17.09 -8.50 -7.76
C GLN A 25 18.38 -8.49 -6.95
N ASP A 26 19.50 -8.30 -7.65
CA ASP A 26 20.83 -8.27 -7.05
C ASP A 26 21.43 -6.97 -7.54
N PRO A 27 21.84 -6.06 -6.64
CA PRO A 27 21.97 -6.21 -5.19
C PRO A 27 20.77 -5.73 -4.39
N GLU A 28 19.70 -5.32 -5.08
CA GLU A 28 18.65 -4.55 -4.44
C GLU A 28 17.93 -5.34 -3.33
N SER A 29 17.82 -6.66 -3.45
CA SER A 29 17.13 -7.42 -2.42
C SER A 29 17.99 -7.69 -1.20
N LEU A 30 19.30 -7.45 -1.27
CA LEU A 30 20.19 -7.93 -0.21
C LEU A 30 19.89 -7.36 1.18
N PRO A 31 19.54 -6.08 1.37
CA PRO A 31 19.14 -5.63 2.71
C PRO A 31 17.84 -6.25 3.18
N PHE A 32 17.10 -6.92 2.29
CA PHE A 32 15.74 -7.36 2.58
C PHE A 32 15.59 -8.87 2.66
N ARG A 33 16.68 -9.64 2.54
CA ARG A 33 16.56 -11.09 2.52
C ARG A 33 16.34 -11.71 3.89
N GLN A 34 16.64 -10.97 4.95
CA GLN A 34 16.65 -11.49 6.30
C GLN A 34 16.17 -10.38 7.23
N PRO A 35 15.65 -10.74 8.42
CA PRO A 35 15.19 -9.71 9.36
C PRO A 35 16.27 -8.69 9.68
N VAL A 36 15.87 -7.42 9.76
CA VAL A 36 16.74 -6.37 10.29
C VAL A 36 17.23 -6.78 11.68
N ASP A 37 18.54 -6.62 11.91
CA ASP A 37 19.18 -7.05 13.16
C ASP A 37 19.92 -5.85 13.77
N PRO A 38 19.28 -5.12 14.69
CA PRO A 38 19.88 -3.83 15.11
C PRO A 38 21.20 -3.94 15.89
N GLN A 39 21.42 -4.98 16.68
CA GLN A 39 22.73 -5.06 17.32
C GLN A 39 23.83 -5.38 16.31
N LEU A 40 23.61 -6.40 15.47
CA LEU A 40 24.59 -6.77 14.45
C LEU A 40 24.90 -5.59 13.53
N LEU A 41 23.88 -4.90 13.03
CA LEU A 41 24.08 -3.73 12.20
C LEU A 41 24.44 -2.48 12.99
N GLY A 42 24.39 -2.53 14.33
CA GLY A 42 24.77 -1.36 15.11
C GLY A 42 23.89 -0.15 14.89
N ILE A 43 22.58 -0.36 14.78
CA ILE A 43 21.62 0.73 14.65
C ILE A 43 20.62 0.60 15.80
N PRO A 44 21.00 1.00 17.02
CA PRO A 44 20.17 0.68 18.18
C PRO A 44 18.81 1.38 18.19
N ASP A 45 18.59 2.39 17.36
CA ASP A 45 17.29 3.06 17.40
C ASP A 45 16.24 2.45 16.48
N TYR A 46 16.54 1.31 15.84
CA TYR A 46 15.68 0.83 14.76
C TYR A 46 14.25 0.59 15.25
N PHE A 47 14.10 -0.17 16.32
CA PHE A 47 12.78 -0.53 16.85
C PHE A 47 12.07 0.64 17.54
N ASP A 48 12.78 1.74 17.86
CA ASP A 48 12.06 2.94 18.25
C ASP A 48 11.28 3.53 17.08
N ILE A 49 11.78 3.38 15.87
CA ILE A 49 11.15 3.97 14.71
C ILE A 49 10.25 2.97 13.99
N VAL A 50 10.72 1.72 13.84
CA VAL A 50 9.95 0.67 13.18
C VAL A 50 9.36 -0.26 14.24
N LYS A 51 8.04 -0.20 14.42
CA LYS A 51 7.38 -0.98 15.46
C LYS A 51 6.97 -2.37 14.98
N ASN A 52 6.87 -2.59 13.66
CA ASN A 52 6.45 -3.89 13.14
C ASN A 52 7.32 -4.27 11.96
N PRO A 53 8.46 -4.94 12.19
CA PRO A 53 9.39 -5.26 11.11
C PRO A 53 8.77 -6.24 10.12
N MET A 54 9.36 -6.30 8.92
CA MET A 54 8.94 -7.27 7.90
C MET A 54 10.05 -7.40 6.86
N ASP A 55 10.19 -8.61 6.30
CA ASP A 55 11.31 -8.94 5.42
C ASP A 55 10.90 -10.10 4.51
N LEU A 56 11.66 -10.27 3.43
CA LEU A 56 11.32 -11.29 2.44
C LEU A 56 11.21 -12.67 3.05
N SER A 57 12.11 -13.05 3.95
CA SER A 57 12.13 -14.42 4.46
C SER A 57 10.95 -14.69 5.41
N THR A 58 10.47 -13.64 6.09
CA THR A 58 9.26 -13.78 6.90
C THR A 58 8.02 -13.92 6.03
N ILE A 59 7.96 -13.15 4.94
CA ILE A 59 6.83 -13.24 4.00
C ILE A 59 6.83 -14.62 3.34
N LYS A 60 8.00 -15.11 2.94
CA LYS A 60 8.04 -16.45 2.36
C LYS A 60 7.60 -17.48 3.38
N ARG A 61 8.05 -17.35 4.62
CA ARG A 61 7.62 -18.31 5.64
C ARG A 61 6.12 -18.29 5.81
N LYS A 62 5.49 -17.10 5.81
CA LYS A 62 4.05 -17.01 5.99
C LYS A 62 3.31 -17.63 4.80
N LEU A 63 3.83 -17.44 3.59
CA LEU A 63 3.25 -18.15 2.44
C LEU A 63 3.43 -19.66 2.56
N ASP A 64 4.55 -20.11 3.15
CA ASP A 64 4.82 -21.55 3.23
C ASP A 64 3.97 -22.24 4.29
N THR A 65 3.58 -21.57 5.36
CA THR A 65 2.78 -22.15 6.42
C THR A 65 1.31 -21.72 6.36
N GLY A 66 0.87 -21.15 5.25
CA GLY A 66 -0.51 -20.76 5.05
C GLY A 66 -1.04 -19.78 6.08
N GLN A 67 -0.27 -18.75 6.44
CA GLN A 67 -0.78 -17.78 7.40
C GLN A 67 -1.51 -16.61 6.74
N TYR A 68 -1.72 -16.64 5.43
CA TYR A 68 -2.51 -15.63 4.72
C TYR A 68 -3.85 -16.22 4.35
N GLN A 69 -4.93 -15.54 4.75
CA GLN A 69 -6.25 -16.04 4.37
C GLN A 69 -6.67 -15.53 3.00
N GLU A 70 -6.19 -14.36 2.60
CA GLU A 70 -6.57 -13.79 1.32
C GLU A 70 -5.43 -12.91 0.83
N PRO A 71 -5.26 -12.74 -0.48
CA PRO A 71 -4.00 -12.20 -1.01
C PRO A 71 -3.68 -10.74 -0.64
N TRP A 72 -4.65 -9.89 -0.32
CA TRP A 72 -4.30 -8.53 0.12
C TRP A 72 -3.45 -8.52 1.41
N GLN A 73 -3.65 -9.47 2.31
CA GLN A 73 -2.77 -9.58 3.48
C GLN A 73 -1.30 -9.77 3.08
N TYR A 74 -1.07 -10.50 1.99
CA TYR A 74 0.29 -10.63 1.44
C TYR A 74 0.79 -9.31 0.89
N VAL A 75 -0.03 -8.66 0.05
CA VAL A 75 0.32 -7.36 -0.50
C VAL A 75 0.60 -6.36 0.61
N ASP A 76 -0.22 -6.38 1.67
CA ASP A 76 0.03 -5.51 2.83
C ASP A 76 1.40 -5.77 3.45
N ASP A 77 1.79 -7.03 3.58
CA ASP A 77 3.08 -7.30 4.21
C ASP A 77 4.22 -6.81 3.35
N VAL A 78 4.11 -6.98 2.03
CA VAL A 78 5.13 -6.46 1.13
C VAL A 78 5.28 -4.96 1.29
N TRP A 79 4.17 -4.23 1.23
CA TRP A 79 4.26 -2.77 1.40
C TRP A 79 4.73 -2.38 2.79
N LEU A 80 4.42 -3.20 3.80
CA LEU A 80 4.93 -2.94 5.15
C LEU A 80 6.46 -2.94 5.14
N MET A 81 7.04 -3.96 4.51
CA MET A 81 8.49 -4.04 4.39
C MET A 81 9.04 -2.83 3.66
N PHE A 82 8.42 -2.45 2.54
CA PHE A 82 8.88 -1.25 1.84
C PHE A 82 8.73 -0.01 2.72
N ASN A 83 7.54 0.21 3.27
CA ASN A 83 7.34 1.43 4.07
C ASN A 83 8.26 1.47 5.29
N ASN A 84 8.57 0.32 5.89
CA ASN A 84 9.53 0.34 7.00
C ASN A 84 10.87 0.89 6.53
N ALA A 85 11.34 0.40 5.38
CA ALA A 85 12.67 0.81 4.91
C ALA A 85 12.70 2.26 4.46
N TRP A 86 11.63 2.74 3.83
CA TRP A 86 11.60 4.15 3.41
C TRP A 86 11.56 5.07 4.62
N LEU A 87 10.86 4.66 5.69
CA LEU A 87 10.79 5.48 6.90
C LEU A 87 12.13 5.50 7.63
N TYR A 88 12.68 4.31 7.91
CA TYR A 88 13.90 4.27 8.71
C TYR A 88 15.08 4.88 7.98
N ASN A 89 15.25 4.56 6.70
CA ASN A 89 16.45 4.99 5.96
C ASN A 89 16.27 6.35 5.31
N ARG A 90 17.39 7.06 5.21
CA ARG A 90 17.40 8.36 4.54
C ARG A 90 17.27 8.19 3.03
N LYS A 91 16.62 9.17 2.40
CA LYS A 91 16.35 9.24 0.97
C LYS A 91 17.58 9.02 0.13
N THR A 92 18.73 9.46 0.63
CA THR A 92 19.96 9.40 -0.13
C THR A 92 20.70 8.09 0.05
N SER A 93 20.23 7.22 0.94
CA SER A 93 21.00 6.04 1.31
C SER A 93 20.81 4.95 0.28
N ARG A 94 21.81 4.07 0.20
CA ARG A 94 21.71 2.87 -0.61
C ARG A 94 20.44 2.07 -0.30
N VAL A 95 20.17 1.81 0.98
CA VAL A 95 19.06 0.92 1.34
C VAL A 95 17.75 1.47 0.82
N TYR A 96 17.56 2.80 0.91
CA TYR A 96 16.32 3.42 0.47
C TYR A 96 16.13 3.26 -1.04
N LYS A 97 17.17 3.61 -1.82
CA LYS A 97 17.08 3.46 -3.27
C LYS A 97 16.91 1.99 -3.67
N PHE A 98 17.54 1.05 -2.95
CA PHE A 98 17.25 -0.35 -3.21
C PHE A 98 15.76 -0.65 -3.01
N CYS A 99 15.18 -0.09 -1.95
CA CYS A 99 13.77 -0.30 -1.66
C CYS A 99 12.87 0.21 -2.80
N SER A 100 13.21 1.37 -3.35
CA SER A 100 12.35 1.93 -4.40
C SER A 100 12.43 1.09 -5.68
N LYS A 101 13.53 0.37 -5.87
CA LYS A 101 13.65 -0.55 -7.02
C LYS A 101 12.79 -1.78 -6.83
N LEU A 102 12.87 -2.40 -5.65
CA LEU A 102 12.01 -3.54 -5.35
C LEU A 102 10.53 -3.17 -5.50
N ALA A 103 10.15 -1.98 -5.04
CA ALA A 103 8.77 -1.52 -5.23
C ALA A 103 8.39 -1.46 -6.70
N GLU A 104 9.20 -0.80 -7.55
CA GLU A 104 8.94 -0.77 -8.99
C GLU A 104 8.71 -2.17 -9.54
N VAL A 105 9.59 -3.09 -9.20
CA VAL A 105 9.48 -4.47 -9.67
C VAL A 105 8.15 -5.08 -9.25
N PHE A 106 7.78 -4.94 -7.96
CA PHE A 106 6.57 -5.55 -7.46
C PHE A 106 5.34 -5.01 -8.18
N GLU A 107 5.25 -3.67 -8.32
CA GLU A 107 4.09 -3.07 -9.01
C GLU A 107 3.92 -3.58 -10.43
N GLN A 108 5.01 -4.00 -11.08
CA GLN A 108 4.91 -4.55 -12.43
C GLN A 108 4.52 -6.03 -12.42
N GLU A 109 4.72 -6.72 -11.31
CA GLU A 109 4.42 -8.15 -11.20
C GLU A 109 3.00 -8.43 -10.71
N ILE A 110 2.50 -7.59 -9.80
CA ILE A 110 1.43 -8.05 -8.92
C ILE A 110 0.07 -8.05 -9.61
N ASP A 111 -0.14 -7.18 -10.61
CA ASP A 111 -1.46 -7.05 -11.20
C ASP A 111 -1.94 -8.32 -11.91
N PRO A 112 -1.21 -8.88 -12.88
CA PRO A 112 -1.68 -10.14 -13.50
C PRO A 112 -1.94 -11.23 -12.50
N VAL A 113 -1.10 -11.31 -11.46
CA VAL A 113 -1.21 -12.37 -10.48
C VAL A 113 -2.47 -12.21 -9.65
N MET A 114 -2.79 -10.97 -9.22
CA MET A 114 -4.00 -10.76 -8.45
C MET A 114 -5.23 -10.98 -9.32
N GLN A 115 -5.15 -10.61 -10.59
CA GLN A 115 -6.24 -10.87 -11.52
C GLN A 115 -6.48 -12.36 -11.71
N SER A 116 -5.43 -13.20 -11.61
CA SER A 116 -5.62 -14.64 -11.74
C SER A 116 -6.26 -15.24 -10.49
N LEU A 117 -6.09 -14.63 -9.32
CA LEU A 117 -6.87 -15.01 -8.16
C LEU A 117 -8.26 -14.37 -8.15
N GLY A 118 -8.62 -13.68 -9.22
CA GLY A 118 -9.98 -13.20 -9.41
C GLY A 118 -10.21 -11.75 -9.09
N TYR A 119 -9.16 -10.99 -8.78
CA TYR A 119 -9.28 -9.61 -8.37
C TYR A 119 -9.15 -8.65 -9.55
N CYS A 120 -9.49 -7.38 -9.29
CA CYS A 120 -9.41 -6.38 -10.34
C CYS A 120 -7.97 -6.04 -10.68
N CYS A 121 -7.10 -5.99 -9.68
CA CYS A 121 -5.69 -5.60 -9.87
C CYS A 121 -4.94 -5.89 -8.57
N GLY A 122 -3.71 -5.41 -8.48
CA GLY A 122 -2.95 -5.68 -7.28
C GLY A 122 -2.24 -4.47 -6.70
N ARG A 123 -2.72 -3.27 -7.06
CA ARG A 123 -2.08 -2.01 -6.68
C ARG A 123 -2.64 -1.52 -5.35
N LYS A 124 -1.77 -1.32 -4.35
CA LYS A 124 -2.31 -0.93 -3.05
C LYS A 124 -2.71 0.55 -2.98
N TYR A 125 -1.87 1.46 -3.47
CA TYR A 125 -2.11 2.87 -3.25
C TYR A 125 -2.70 3.57 -4.47
N GLU A 126 -3.33 4.72 -4.19
CA GLU A 126 -3.80 5.62 -5.22
C GLU A 126 -2.66 5.98 -6.17
N PHE A 127 -3.01 6.29 -7.41
CA PHE A 127 -2.00 6.70 -8.37
C PHE A 127 -1.42 8.06 -8.02
N SER A 128 -2.27 8.97 -7.53
CA SER A 128 -1.96 10.38 -7.35
C SER A 128 -2.41 10.88 -5.98
N PRO A 129 -1.70 11.86 -5.40
CA PRO A 129 -2.19 12.49 -4.18
C PRO A 129 -3.49 13.23 -4.43
N GLN A 130 -4.20 13.51 -3.34
CA GLN A 130 -5.46 14.23 -3.47
C GLN A 130 -5.20 15.73 -3.53
N THR A 131 -5.72 16.38 -4.57
CA THR A 131 -5.70 17.84 -4.67
C THR A 131 -6.36 18.43 -3.44
N LEU A 132 -5.58 19.11 -2.60
CA LEU A 132 -6.11 19.75 -1.40
C LEU A 132 -6.63 21.13 -1.73
N CYS A 133 -7.61 21.57 -0.94
CA CYS A 133 -8.22 22.88 -1.15
C CYS A 133 -7.62 23.90 -0.19
N CYS A 134 -7.37 25.11 -0.69
CA CYS A 134 -6.72 26.16 0.08
C CYS A 134 -7.76 26.96 0.85
N TYR A 135 -7.67 26.92 2.17
CA TYR A 135 -8.57 27.69 3.02
C TYR A 135 -8.10 29.13 3.11
N LEU A 139 -11.97 28.62 -3.70
CA LEU A 139 -11.82 28.52 -5.14
C LEU A 139 -10.40 28.11 -5.49
N CYS A 140 -9.49 28.32 -4.53
CA CYS A 140 -8.08 28.02 -4.72
C CYS A 140 -7.79 26.61 -4.22
N THR A 141 -6.99 25.86 -4.99
CA THR A 141 -6.64 24.49 -4.66
C THR A 141 -5.13 24.25 -4.82
N ILE A 142 -4.65 23.19 -4.18
CA ILE A 142 -3.23 22.86 -4.11
C ILE A 142 -2.96 21.66 -4.98
N PRO A 143 -1.99 21.71 -5.90
CA PRO A 143 -1.65 20.52 -6.71
C PRO A 143 -0.76 19.54 -5.98
N ARG A 144 -0.38 18.45 -6.64
CA ARG A 144 0.43 17.43 -5.99
C ARG A 144 1.85 17.94 -5.76
N ASP A 145 2.47 17.42 -4.71
CA ASP A 145 3.86 17.71 -4.35
C ASP A 145 4.09 19.17 -3.96
N ALA A 146 3.07 20.02 -4.10
CA ALA A 146 3.22 21.42 -3.73
C ALA A 146 3.36 21.55 -2.23
N ALA A 147 4.18 22.51 -1.79
CA ALA A 147 4.41 22.71 -0.38
C ALA A 147 3.30 23.54 0.24
N TYR A 148 3.00 23.27 1.52
CA TYR A 148 1.88 23.89 2.20
C TYR A 148 2.03 23.70 3.71
N TYR A 149 1.17 24.38 4.47
CA TYR A 149 1.15 24.33 5.92
C TYR A 149 -0.16 23.74 6.42
N SER A 150 -0.09 22.86 7.43
CA SER A 150 -1.26 22.16 7.93
C SER A 150 -1.31 22.18 9.45
N TYR A 151 -2.52 22.01 9.99
CA TYR A 151 -2.75 21.91 11.43
C TYR A 151 -3.67 20.72 11.70
N GLN A 152 -3.12 19.68 12.33
CA GLN A 152 -3.90 18.51 12.75
C GLN A 152 -4.72 17.94 11.60
N ASN A 153 -4.12 17.91 10.40
CA ASN A 153 -4.71 17.35 9.18
C ASN A 153 -5.91 18.14 8.67
N ARG A 154 -6.35 19.15 9.41
CA ARG A 154 -7.67 19.74 9.13
C ARG A 154 -7.59 20.85 8.08
N TYR A 155 -7.08 22.01 8.46
CA TYR A 155 -7.14 23.20 7.62
C TYR A 155 -5.84 23.39 6.85
N HIS A 156 -5.97 23.86 5.61
CA HIS A 156 -4.86 23.91 4.66
C HIS A 156 -4.74 25.29 4.03
N PHE A 157 -3.51 25.67 3.71
CA PHE A 157 -3.17 26.95 3.09
C PHE A 157 -2.00 26.77 2.13
N CYS A 158 -2.14 27.26 0.91
CA CYS A 158 -0.96 27.33 0.05
C CYS A 158 -0.01 28.38 0.58
N GLU A 159 1.29 28.19 0.32
CA GLU A 159 2.30 29.01 0.98
C GLU A 159 2.26 30.47 0.56
N LYS A 160 1.68 30.78 -0.60
CA LYS A 160 1.52 32.18 -1.00
C LYS A 160 0.33 32.86 -0.30
N CYS A 161 -0.61 32.10 0.24
CA CYS A 161 -1.65 32.69 1.09
C CYS A 161 -1.16 32.85 2.53
N PHE A 162 -0.42 31.86 3.02
CA PHE A 162 0.04 31.85 4.40
C PHE A 162 1.06 32.96 4.62
N ASP A 175 -17.46 25.99 7.97
CA ASP A 175 -18.89 26.20 7.74
C ASP A 175 -19.27 27.60 8.25
N PRO A 176 -19.99 28.37 7.42
CA PRO A 176 -20.29 29.77 7.78
C PRO A 176 -20.99 29.95 9.12
N SER A 177 -21.64 28.92 9.67
CA SER A 177 -22.31 29.01 10.97
C SER A 177 -21.47 28.56 12.16
N GLN A 178 -20.25 28.04 11.92
CA GLN A 178 -19.42 27.55 13.02
C GLN A 178 -18.60 28.68 13.66
N PRO A 179 -18.68 28.89 14.97
CA PRO A 179 -17.91 29.99 15.59
C PRO A 179 -16.41 29.76 15.45
N GLN A 180 -15.73 30.60 14.66
CA GLN A 180 -14.32 30.38 14.38
C GLN A 180 -13.46 30.63 15.63
N THR A 181 -12.28 30.02 15.63
CA THR A 181 -11.24 30.27 16.61
C THR A 181 -9.96 30.69 15.88
N THR A 182 -9.02 31.23 16.64
CA THR A 182 -7.75 31.66 16.05
C THR A 182 -6.56 31.09 16.82
N GLU A 189 2.46 23.73 11.68
CA GLU A 189 3.56 23.03 11.04
C GLU A 189 3.48 23.16 9.50
N LYS A 190 4.35 22.42 8.82
CA LYS A 190 4.56 22.56 7.37
C LYS A 190 4.85 21.20 6.77
N LYS A 191 4.39 20.97 5.53
CA LYS A 191 4.42 19.65 4.91
C LYS A 191 4.50 19.77 3.39
N LYS A 192 4.47 18.61 2.73
CA LYS A 192 4.48 18.50 1.28
C LYS A 192 3.41 17.51 0.84
N ASN A 193 2.72 17.81 -0.26
CA ASN A 193 1.57 17.03 -0.69
C ASN A 193 1.98 15.87 -1.60
N ASP A 194 2.78 14.96 -1.04
CA ASP A 194 3.34 13.84 -1.80
C ASP A 194 2.88 12.48 -1.29
N THR A 195 1.83 12.42 -0.48
CA THR A 195 1.41 11.18 0.15
C THR A 195 0.29 10.53 -0.66
N LEU A 196 0.38 9.22 -0.82
CA LEU A 196 -0.65 8.42 -1.47
C LEU A 196 -1.46 7.68 -0.42
N ASP A 197 -2.79 7.79 -0.51
CA ASP A 197 -3.67 7.02 0.34
C ASP A 197 -3.83 5.61 -0.24
N PRO A 198 -4.17 4.63 0.59
CA PRO A 198 -4.57 3.33 0.06
C PRO A 198 -5.82 3.48 -0.78
N GLU A 199 -5.89 2.70 -1.86
CA GLU A 199 -7.06 2.76 -2.72
C GLU A 199 -8.25 2.07 -2.05
N PRO A 200 -9.38 2.75 -1.85
CA PRO A 200 -10.45 2.15 -1.03
C PRO A 200 -11.09 0.96 -1.72
N PHE A 201 -11.66 0.08 -0.89
CA PHE A 201 -12.21 -1.18 -1.33
C PHE A 201 -13.73 -1.17 -1.27
N VAL A 202 -14.33 -2.13 -1.97
CA VAL A 202 -15.71 -2.56 -1.76
C VAL A 202 -15.74 -4.08 -1.90
N ASP A 203 -16.54 -4.72 -1.04
CA ASP A 203 -16.63 -6.17 -0.97
C ASP A 203 -17.66 -6.74 -1.94
N CYS A 204 -17.29 -7.83 -2.61
CA CYS A 204 -18.29 -8.57 -3.36
C CYS A 204 -19.31 -9.18 -2.39
N LYS A 205 -20.59 -8.92 -2.64
CA LYS A 205 -21.65 -9.45 -1.78
C LYS A 205 -21.65 -10.97 -1.75
N GLU A 206 -21.25 -11.63 -2.83
CA GLU A 206 -21.32 -13.09 -2.93
C GLU A 206 -20.08 -13.79 -2.38
N CYS A 207 -18.90 -13.48 -2.94
CA CYS A 207 -17.66 -14.20 -2.61
C CYS A 207 -16.83 -13.52 -1.53
N GLY A 208 -17.08 -12.26 -1.20
CA GLY A 208 -16.32 -11.64 -0.13
C GLY A 208 -15.01 -10.99 -0.54
N ARG A 209 -14.58 -11.13 -1.80
CA ARG A 209 -13.37 -10.48 -2.27
C ARG A 209 -13.44 -8.97 -2.14
N LYS A 210 -12.33 -8.38 -1.66
CA LYS A 210 -12.16 -6.93 -1.66
C LYS A 210 -11.70 -6.49 -3.04
N MET A 211 -12.51 -5.67 -3.71
CA MET A 211 -12.18 -5.06 -4.98
C MET A 211 -12.10 -3.55 -4.80
N HIS A 212 -11.35 -2.89 -5.68
CA HIS A 212 -11.23 -1.44 -5.60
C HIS A 212 -12.49 -0.79 -6.16
N GLN A 213 -13.06 0.16 -5.41
CA GLN A 213 -14.21 0.90 -5.92
C GLN A 213 -13.96 1.44 -7.32
N ILE A 214 -12.79 2.04 -7.56
CA ILE A 214 -12.55 2.68 -8.85
C ILE A 214 -12.35 1.64 -9.96
N CYS A 215 -11.95 0.41 -9.61
CA CYS A 215 -11.80 -0.63 -10.62
C CYS A 215 -13.14 -1.19 -11.07
N VAL A 216 -14.09 -1.38 -10.15
CA VAL A 216 -15.29 -2.15 -10.43
C VAL A 216 -16.58 -1.33 -10.42
N LEU A 217 -16.56 -0.11 -9.88
CA LEU A 217 -17.74 0.75 -9.83
C LEU A 217 -17.61 1.83 -10.89
N HIS A 218 -18.65 2.00 -11.70
CA HIS A 218 -18.60 2.90 -12.84
C HIS A 218 -19.71 3.93 -12.74
N TYR A 219 -19.45 5.10 -13.35
CA TYR A 219 -20.36 6.24 -13.29
C TYR A 219 -21.77 5.91 -13.77
N ASP A 220 -21.97 4.84 -14.53
CA ASP A 220 -23.27 4.57 -15.11
C ASP A 220 -23.95 3.33 -14.56
N ILE A 221 -23.40 2.72 -13.52
CA ILE A 221 -23.96 1.50 -12.94
C ILE A 221 -24.29 1.81 -11.49
N ILE A 222 -25.43 1.30 -11.03
CA ILE A 222 -25.78 1.44 -9.62
C ILE A 222 -26.12 0.06 -9.09
N TRP A 223 -25.78 -0.16 -7.82
CA TRP A 223 -25.82 -1.48 -7.19
C TRP A 223 -26.79 -1.45 -6.01
N PRO A 224 -28.11 -1.38 -6.28
CA PRO A 224 -29.06 -1.26 -5.16
C PRO A 224 -28.89 -2.33 -4.10
N SER A 225 -28.68 -3.58 -4.51
CA SER A 225 -28.57 -4.69 -3.58
C SER A 225 -27.12 -5.10 -3.31
N GLY A 226 -26.19 -4.18 -3.46
CA GLY A 226 -24.82 -4.54 -3.10
C GLY A 226 -24.01 -4.96 -4.30
N PHE A 227 -22.73 -4.62 -4.27
CA PHE A 227 -21.87 -4.91 -5.39
C PHE A 227 -21.69 -6.42 -5.54
N VAL A 228 -21.68 -6.89 -6.79
CA VAL A 228 -21.36 -8.27 -7.13
C VAL A 228 -20.30 -8.26 -8.24
N CYS A 229 -19.21 -8.98 -8.03
CA CYS A 229 -18.11 -8.94 -8.98
C CYS A 229 -18.39 -9.82 -10.19
N ASP A 230 -17.62 -9.58 -11.26
CA ASP A 230 -17.83 -10.26 -12.53
C ASP A 230 -17.72 -11.78 -12.45
N ASN A 231 -16.88 -12.31 -11.54
CA ASN A 231 -16.83 -13.76 -11.37
C ASN A 231 -18.14 -14.31 -10.81
N CYS A 232 -18.88 -13.50 -10.05
CA CYS A 232 -20.04 -13.98 -9.31
C CYS A 232 -21.34 -13.65 -10.02
N LEU A 233 -21.29 -12.89 -11.10
CA LEU A 233 -22.50 -12.46 -11.80
C LEU A 233 -23.17 -13.64 -12.48
#